data_8CO8
#
_entry.id   8CO8
#
_cell.length_a   56.895
_cell.length_b   56.895
_cell.length_c   103.902
_cell.angle_alpha   90.00
_cell.angle_beta   90.00
_cell.angle_gamma   120.00
#
_symmetry.space_group_name_H-M   'P 64'
#
loop_
_entity.id
_entity.type
_entity.pdbx_description
1 polymer 'Serine protease subunit NS2B,Serine protease/Helicase NS3'
2 water water
#
_entity_poly.entity_id   1
_entity_poly.type   'polypeptide(L)'
_entity_poly.pdbx_seq_one_letter_code
;SMSTDMWIERTADISWESDAEITGSSERVDVRLDDDGNFQLMNDPGAPWKGGGGSGGGGGVLWDTPSPKEYKKGDTTTGV
YRIMTRGLLGSYQAGAGVMVEGVFHTLWATTKGAALMSGEGRLDPYWGSVKEDRLCYGGPWKLQHKWNGQDEVQMIVVEP
GKNVKNVQTKPGVFKTPEGEIGAVTLDFPTGTSGSPIVDKNGDVIGLYGNGVIMPNGSYISAIVQGERMDEPIPAGFEPE
MLRKK
;
_entity_poly.pdbx_strand_id   A
#
# COMPACT_ATOMS: atom_id res chain seq x y z
N SER A 3 -4.08 18.71 -14.32
CA SER A 3 -3.99 19.69 -13.26
C SER A 3 -4.68 19.21 -12.00
N THR A 4 -4.51 17.93 -11.67
CA THR A 4 -5.05 17.41 -10.43
C THR A 4 -4.20 17.89 -9.25
N ASP A 5 -4.62 17.54 -8.05
CA ASP A 5 -3.94 17.97 -6.83
C ASP A 5 -3.07 16.88 -6.22
N MET A 6 -3.16 15.64 -6.70
CA MET A 6 -2.40 14.54 -6.14
C MET A 6 -1.84 13.71 -7.28
N TRP A 7 -0.72 13.04 -7.00
CA TRP A 7 -0.09 12.16 -7.98
C TRP A 7 0.56 11.00 -7.26
N ILE A 8 0.80 9.93 -8.01
CA ILE A 8 1.40 8.71 -7.47
C ILE A 8 2.71 8.44 -8.20
N GLU A 9 3.67 7.88 -7.46
CA GLU A 9 5.00 7.57 -7.98
C GLU A 9 5.36 6.14 -7.63
N ARG A 10 5.69 5.34 -8.63
CA ARG A 10 6.06 3.95 -8.39
C ARG A 10 7.40 3.88 -7.67
N THR A 11 7.45 3.13 -6.57
CA THR A 11 8.62 3.11 -5.70
C THR A 11 9.15 1.72 -5.38
N ALA A 12 8.45 0.65 -5.72
CA ALA A 12 8.90 -0.69 -5.39
C ALA A 12 8.09 -1.71 -6.18
N ASP A 13 8.66 -2.91 -6.30
CA ASP A 13 7.95 -4.06 -6.83
C ASP A 13 7.22 -4.79 -5.71
N ILE A 14 6.29 -5.66 -6.09
CA ILE A 14 5.52 -6.46 -5.15
C ILE A 14 6.24 -7.80 -5.02
N SER A 15 6.97 -7.98 -3.92
CA SER A 15 7.73 -9.21 -3.74
C SER A 15 8.02 -9.43 -2.27
N TRP A 16 7.92 -10.69 -1.85
CA TRP A 16 8.40 -11.11 -0.55
C TRP A 16 9.93 -11.24 -0.62
N GLU A 17 10.61 -10.68 0.38
CA GLU A 17 12.07 -10.62 0.38
C GLU A 17 12.62 -11.69 1.30
N SER A 18 13.50 -12.55 0.75
CA SER A 18 14.14 -13.57 1.58
C SER A 18 15.03 -12.94 2.63
N ASP A 19 15.73 -11.85 2.29
CA ASP A 19 16.58 -11.18 3.26
C ASP A 19 15.77 -10.61 4.42
N ALA A 20 14.55 -10.15 4.16
CA ALA A 20 13.68 -9.72 5.26
C ALA A 20 13.23 -10.91 6.10
N GLU A 21 13.02 -12.07 5.47
CA GLU A 21 12.79 -13.30 6.22
C GLU A 21 14.04 -13.76 6.95
N ILE A 22 15.21 -13.23 6.57
CA ILE A 22 16.48 -13.65 7.15
C ILE A 22 16.79 -12.85 8.41
N THR A 23 16.67 -11.53 8.34
CA THR A 23 17.05 -10.64 9.43
C THR A 23 15.88 -9.89 10.05
N GLY A 24 14.69 -9.96 9.49
CA GLY A 24 13.56 -9.21 10.03
C GLY A 24 13.17 -8.03 9.17
N SER A 25 14.17 -7.26 8.72
CA SER A 25 13.96 -6.13 7.84
C SER A 25 15.02 -6.14 6.75
N SER A 26 14.63 -5.71 5.55
CA SER A 26 15.57 -5.65 4.43
C SER A 26 15.17 -4.53 3.49
N GLU A 27 16.11 -3.65 3.19
CA GLU A 27 15.87 -2.62 2.20
C GLU A 27 15.83 -3.25 0.80
N ARG A 28 14.86 -2.81 0.01
CA ARG A 28 14.61 -3.38 -1.30
C ARG A 28 15.68 -2.96 -2.28
N VAL A 29 16.03 -3.87 -3.20
CA VAL A 29 17.02 -3.58 -4.21
C VAL A 29 16.31 -3.74 -5.55
N ASP A 30 15.33 -2.88 -5.79
CA ASP A 30 14.60 -2.85 -7.06
C ASP A 30 15.34 -1.92 -7.99
N VAL A 31 16.30 -2.49 -8.71
CA VAL A 31 17.20 -1.70 -9.52
C VAL A 31 16.53 -1.31 -10.84
N ARG A 32 17.13 -0.32 -11.50
CA ARG A 32 16.67 0.17 -12.79
C ARG A 32 17.83 0.88 -13.45
N LEU A 33 18.16 0.46 -14.66
CA LEU A 33 19.35 0.90 -15.37
C LEU A 33 18.97 1.84 -16.51
N ASP A 34 19.95 2.63 -16.94
CA ASP A 34 19.84 3.38 -18.18
C ASP A 34 20.38 2.51 -19.31
N ASP A 35 20.64 3.12 -20.47
CA ASP A 35 21.11 2.33 -21.60
C ASP A 35 22.60 2.06 -21.56
N ASP A 36 23.35 2.68 -20.64
CA ASP A 36 24.77 2.43 -20.48
C ASP A 36 25.08 1.50 -19.32
N GLY A 37 24.07 1.12 -18.53
CA GLY A 37 24.27 0.26 -17.38
C GLY A 37 24.25 0.97 -16.05
N ASN A 38 24.06 2.28 -16.03
CA ASN A 38 24.08 3.04 -14.78
C ASN A 38 22.80 2.83 -14.00
N PHE A 39 22.93 2.75 -12.68
CA PHE A 39 21.83 2.35 -11.81
C PHE A 39 20.94 3.52 -11.41
N GLN A 40 19.72 3.16 -11.00
CA GLN A 40 18.76 4.10 -10.41
C GLN A 40 17.70 3.25 -9.71
N LEU A 41 17.65 3.33 -8.39
CA LEU A 41 16.70 2.54 -7.63
C LEU A 41 15.40 3.32 -7.44
N MET A 42 14.28 2.58 -7.47
CA MET A 42 12.96 3.17 -7.35
C MET A 42 12.64 3.54 -5.91
N TYR A 71 -6.73 13.78 -19.99
CA TYR A 71 -7.87 13.14 -20.66
C TYR A 71 -7.55 11.67 -20.92
N LYS A 72 -6.33 11.29 -20.53
CA LYS A 72 -5.78 9.97 -20.71
C LYS A 72 -6.03 9.14 -19.45
N LYS A 73 -6.02 7.82 -19.61
CA LYS A 73 -5.87 6.95 -18.45
C LYS A 73 -4.41 6.89 -18.04
N GLY A 74 -4.18 6.98 -16.73
CA GLY A 74 -2.84 7.07 -16.22
C GLY A 74 -2.10 5.75 -16.22
N ASP A 75 -0.81 5.85 -15.91
CA ASP A 75 0.04 4.67 -15.83
C ASP A 75 -0.42 3.76 -14.70
N THR A 76 -0.71 2.50 -15.05
CA THR A 76 -1.14 1.50 -14.09
C THR A 76 -0.14 0.35 -13.99
N THR A 77 1.15 0.66 -14.13
CA THR A 77 2.18 -0.37 -14.02
C THR A 77 2.14 -0.99 -12.63
N THR A 78 2.06 -2.33 -12.59
CA THR A 78 1.95 -3.04 -11.33
C THR A 78 3.16 -2.75 -10.45
N GLY A 79 2.90 -2.43 -9.19
CA GLY A 79 3.96 -2.14 -8.25
C GLY A 79 3.41 -1.42 -7.04
N VAL A 80 4.33 -0.90 -6.23
CA VAL A 80 4.02 -0.15 -5.01
C VAL A 80 4.29 1.32 -5.28
N TYR A 81 3.36 2.17 -4.84
CA TYR A 81 3.39 3.59 -5.19
C TYR A 81 3.33 4.46 -3.95
N ARG A 82 4.05 5.59 -4.00
CA ARG A 82 3.86 6.68 -3.05
C ARG A 82 2.73 7.57 -3.54
N ILE A 83 1.94 8.10 -2.62
CA ILE A 83 0.89 9.05 -2.94
C ILE A 83 1.33 10.42 -2.46
N MET A 84 1.63 11.30 -3.42
CA MET A 84 2.13 12.64 -3.13
C MET A 84 1.06 13.68 -3.44
N THR A 85 1.12 14.78 -2.71
CA THR A 85 0.21 15.90 -2.92
C THR A 85 0.94 17.20 -2.60
N ARG A 86 0.54 18.25 -3.30
CA ARG A 86 1.16 19.56 -3.13
C ARG A 86 0.58 20.27 -1.92
N GLY A 87 1.42 20.98 -1.19
CA GLY A 87 0.97 21.74 -0.04
C GLY A 87 1.29 23.21 -0.15
N LEU A 88 1.16 23.95 0.96
CA LEU A 88 1.48 25.36 0.95
C LEU A 88 2.93 25.61 0.57
N LEU A 89 3.86 24.93 1.25
CA LEU A 89 5.28 25.21 1.12
C LEU A 89 6.04 24.11 0.40
N GLY A 90 5.36 23.13 -0.15
CA GLY A 90 6.02 22.07 -0.89
C GLY A 90 5.13 20.85 -1.00
N SER A 91 5.75 19.76 -1.45
CA SER A 91 5.08 18.48 -1.62
C SER A 91 5.29 17.61 -0.38
N TYR A 92 4.36 16.67 -0.19
CA TYR A 92 4.49 15.70 0.88
C TYR A 92 3.75 14.42 0.48
N GLN A 93 4.11 13.33 1.15
CA GLN A 93 3.49 12.04 0.91
C GLN A 93 2.25 11.92 1.79
N ALA A 94 1.08 11.87 1.15
CA ALA A 94 -0.17 11.72 1.88
C ALA A 94 -0.47 10.27 2.23
N GLY A 95 0.21 9.32 1.59
CA GLY A 95 -0.06 7.92 1.86
C GLY A 95 0.66 7.04 0.85
N ALA A 96 0.22 5.79 0.78
CA ALA A 96 0.79 4.81 -0.14
C ALA A 96 -0.31 3.93 -0.68
N GLY A 97 0.03 3.16 -1.71
CA GLY A 97 -0.93 2.26 -2.31
C GLY A 97 -0.21 1.24 -3.17
N VAL A 98 -1.00 0.33 -3.72
CA VAL A 98 -0.49 -0.77 -4.52
C VAL A 98 -1.27 -0.84 -5.83
N MET A 99 -0.57 -1.14 -6.91
CA MET A 99 -1.15 -1.20 -8.25
C MET A 99 -1.19 -2.65 -8.69
N VAL A 100 -2.39 -3.19 -8.87
CA VAL A 100 -2.57 -4.59 -9.21
C VAL A 100 -3.64 -4.71 -10.29
N GLU A 101 -3.33 -5.45 -11.36
CA GLU A 101 -4.29 -5.73 -12.43
C GLU A 101 -4.83 -4.45 -13.05
N GLY A 102 -3.96 -3.44 -13.18
CA GLY A 102 -4.36 -2.17 -13.74
C GLY A 102 -5.23 -1.33 -12.83
N VAL A 103 -5.25 -1.66 -11.53
CA VAL A 103 -6.08 -0.96 -10.56
C VAL A 103 -5.20 -0.55 -9.39
N PHE A 104 -5.33 0.72 -8.98
CA PHE A 104 -4.60 1.25 -7.83
C PHE A 104 -5.46 1.11 -6.58
N HIS A 105 -4.95 0.41 -5.57
CA HIS A 105 -5.65 0.24 -4.31
C HIS A 105 -4.95 1.02 -3.22
N THR A 106 -5.75 1.68 -2.38
CA THR A 106 -5.22 2.43 -1.24
C THR A 106 -6.34 2.57 -0.21
N LEU A 107 -5.99 3.18 0.92
CA LEU A 107 -7.01 3.51 1.91
C LEU A 107 -7.86 4.67 1.42
N TRP A 108 -9.09 4.75 1.93
CA TRP A 108 -9.92 5.90 1.62
C TRP A 108 -9.33 7.17 2.22
N ALA A 109 -8.75 7.08 3.42
CA ALA A 109 -8.29 8.26 4.13
C ALA A 109 -7.02 8.86 3.53
N THR A 110 -6.38 8.21 2.56
CA THR A 110 -5.17 8.77 1.98
C THR A 110 -5.49 9.88 0.99
N THR A 111 -6.49 9.67 0.13
CA THR A 111 -6.89 10.67 -0.85
C THR A 111 -8.31 11.18 -0.67
N LYS A 112 -9.18 10.42 0.02
CA LYS A 112 -10.58 10.79 0.21
C LYS A 112 -11.31 11.00 -1.12
N GLY A 113 -10.81 10.37 -2.18
CA GLY A 113 -11.46 10.37 -3.48
C GLY A 113 -10.82 11.27 -4.52
N ALA A 114 -9.76 11.99 -4.18
CA ALA A 114 -9.14 12.91 -5.13
C ALA A 114 -8.53 12.15 -6.30
N ALA A 115 -8.62 12.74 -7.48
CA ALA A 115 -8.03 12.14 -8.67
C ALA A 115 -6.51 12.12 -8.55
N LEU A 116 -5.89 11.19 -9.28
CA LEU A 116 -4.46 10.96 -9.17
C LEU A 116 -3.82 11.06 -10.54
N MET A 117 -2.74 11.84 -10.63
CA MET A 117 -1.90 11.86 -11.83
C MET A 117 -0.94 10.69 -11.80
N SER A 118 -0.92 9.89 -12.86
CA SER A 118 -0.04 8.73 -12.96
C SER A 118 0.60 8.74 -14.34
N GLY A 119 1.85 9.19 -14.41
CA GLY A 119 2.53 9.25 -15.69
C GLY A 119 1.93 10.34 -16.56
N GLU A 120 1.65 9.98 -17.82
CA GLU A 120 1.10 10.95 -18.77
C GLU A 120 -0.38 11.23 -18.54
N GLY A 121 -1.08 10.39 -17.79
CA GLY A 121 -2.51 10.52 -17.64
C GLY A 121 -2.99 10.71 -16.22
N ARG A 122 -4.22 10.31 -15.95
CA ARG A 122 -4.86 10.52 -14.66
C ARG A 122 -5.63 9.27 -14.25
N LEU A 123 -5.88 9.17 -12.95
CA LEU A 123 -6.63 8.06 -12.36
C LEU A 123 -7.79 8.62 -11.57
N ASP A 124 -9.00 8.16 -11.88
CA ASP A 124 -10.20 8.58 -11.17
C ASP A 124 -10.70 7.46 -10.26
N PRO A 125 -11.24 7.79 -9.09
CA PRO A 125 -11.71 6.75 -8.19
C PRO A 125 -12.88 5.97 -8.77
N TYR A 126 -12.85 4.66 -8.58
CA TYR A 126 -13.86 3.75 -9.12
C TYR A 126 -14.78 3.20 -8.05
N TRP A 127 -14.23 2.61 -6.99
CA TRP A 127 -15.01 2.14 -5.86
C TRP A 127 -14.29 2.48 -4.57
N GLY A 128 -15.06 2.65 -3.51
CA GLY A 128 -14.51 2.96 -2.21
C GLY A 128 -15.53 2.72 -1.12
N SER A 129 -15.02 2.65 0.11
CA SER A 129 -15.87 2.44 1.29
C SER A 129 -15.23 3.13 2.47
N VAL A 130 -15.90 4.15 3.02
CA VAL A 130 -15.36 4.88 4.16
C VAL A 130 -15.32 3.98 5.39
N LYS A 131 -16.34 3.15 5.59
CA LYS A 131 -16.36 2.23 6.72
C LYS A 131 -15.20 1.25 6.66
N GLU A 132 -15.03 0.58 5.52
CA GLU A 132 -13.94 -0.37 5.36
C GLU A 132 -12.59 0.31 5.12
N ASP A 133 -12.59 1.63 4.92
CA ASP A 133 -11.36 2.39 4.70
C ASP A 133 -10.60 1.87 3.49
N ARG A 134 -11.33 1.52 2.43
CA ARG A 134 -10.74 1.01 1.20
C ARG A 134 -11.15 1.90 0.03
N LEU A 135 -10.29 1.94 -0.99
CA LEU A 135 -10.52 2.78 -2.16
C LEU A 135 -9.64 2.27 -3.30
N CYS A 136 -10.20 2.24 -4.50
CA CYS A 136 -9.48 1.73 -5.66
C CYS A 136 -9.77 2.59 -6.88
N TYR A 137 -8.75 2.78 -7.72
CA TYR A 137 -8.82 3.60 -8.91
C TYR A 137 -8.65 2.75 -10.16
N GLY A 138 -9.31 3.17 -11.24
CA GLY A 138 -9.19 2.50 -12.52
C GLY A 138 -9.98 1.22 -12.67
N GLY A 139 -10.63 0.74 -11.61
CA GLY A 139 -11.40 -0.47 -11.65
C GLY A 139 -11.80 -0.91 -10.26
N PRO A 140 -12.59 -1.97 -10.17
CA PRO A 140 -13.04 -2.45 -8.86
C PRO A 140 -11.90 -3.10 -8.09
N TRP A 141 -12.20 -3.45 -6.84
CA TRP A 141 -11.23 -4.09 -5.97
C TRP A 141 -10.82 -5.44 -6.52
N LYS A 142 -9.52 -5.60 -6.76
CA LYS A 142 -8.97 -6.84 -7.31
C LYS A 142 -8.26 -7.70 -6.28
N LEU A 143 -7.96 -7.14 -5.10
CA LEU A 143 -7.19 -7.86 -4.09
C LEU A 143 -8.05 -8.95 -3.46
N GLN A 144 -7.59 -10.20 -3.53
CA GLN A 144 -8.37 -11.35 -3.11
C GLN A 144 -7.80 -12.07 -1.90
N HIS A 145 -6.50 -12.33 -1.87
CA HIS A 145 -5.91 -13.14 -0.82
C HIS A 145 -5.95 -12.42 0.52
N LYS A 146 -6.02 -13.21 1.59
CA LYS A 146 -5.98 -12.70 2.96
C LYS A 146 -5.06 -13.57 3.80
N TRP A 147 -4.49 -12.97 4.85
CA TRP A 147 -3.68 -13.70 5.82
C TRP A 147 -4.36 -15.00 6.25
N ASN A 148 -3.55 -16.06 6.34
CA ASN A 148 -4.08 -17.36 6.74
C ASN A 148 -4.21 -17.50 8.25
N GLY A 149 -3.77 -16.52 9.03
CA GLY A 149 -3.93 -16.54 10.47
C GLY A 149 -2.84 -17.26 11.25
N GLN A 150 -1.86 -17.82 10.57
CA GLN A 150 -0.79 -18.55 11.25
C GLN A 150 0.60 -18.10 10.82
N ASP A 151 0.80 -17.87 9.53
CA ASP A 151 2.13 -17.58 9.00
C ASP A 151 2.52 -16.12 9.28
N GLU A 152 3.80 -15.83 9.11
CA GLU A 152 4.29 -14.47 9.20
C GLU A 152 4.12 -13.76 7.85
N VAL A 153 4.10 -12.43 7.90
CA VAL A 153 3.90 -11.61 6.71
C VAL A 153 5.03 -10.59 6.61
N GLN A 154 5.16 -10.01 5.41
CA GLN A 154 6.13 -8.98 5.14
C GLN A 154 5.40 -7.74 4.63
N MET A 155 5.68 -6.60 5.25
CA MET A 155 5.09 -5.33 4.85
C MET A 155 6.09 -4.56 4.01
N ILE A 156 5.67 -4.15 2.82
CA ILE A 156 6.48 -3.29 1.96
C ILE A 156 6.33 -1.86 2.46
N VAL A 157 7.19 -1.46 3.39
CA VAL A 157 7.06 -0.18 4.08
C VAL A 157 7.42 0.95 3.13
N VAL A 158 6.48 1.87 2.90
CA VAL A 158 6.74 3.07 2.12
C VAL A 158 6.66 4.26 3.07
N GLU A 159 7.59 4.34 4.01
CA GLU A 159 7.60 5.43 4.97
C GLU A 159 8.04 6.72 4.27
N PRO A 160 7.40 7.85 4.56
CA PRO A 160 7.79 9.11 3.92
C PRO A 160 9.24 9.46 4.20
N GLY A 161 9.94 9.92 3.17
CA GLY A 161 11.33 10.26 3.30
C GLY A 161 12.24 9.10 3.64
N LYS A 162 11.83 7.89 3.30
CA LYS A 162 12.58 6.69 3.65
C LYS A 162 12.60 5.74 2.46
N ASN A 163 13.75 5.09 2.26
CA ASN A 163 13.84 4.06 1.24
C ASN A 163 12.89 2.91 1.57
N VAL A 164 12.30 2.33 0.53
CA VAL A 164 11.33 1.26 0.72
C VAL A 164 12.04 0.01 1.25
N LYS A 165 11.45 -0.61 2.27
CA LYS A 165 12.00 -1.82 2.86
C LYS A 165 10.89 -2.79 3.16
N ASN A 166 11.21 -4.08 3.10
CA ASN A 166 10.30 -5.13 3.53
C ASN A 166 10.57 -5.44 4.99
N VAL A 167 9.51 -5.54 5.79
CA VAL A 167 9.64 -5.80 7.22
C VAL A 167 8.79 -7.02 7.56
N GLN A 168 9.43 -8.05 8.08
CA GLN A 168 8.74 -9.27 8.49
C GLN A 168 8.08 -9.07 9.85
N THR A 169 6.87 -9.60 10.00
CA THR A 169 6.15 -9.49 11.26
C THR A 169 5.05 -10.54 11.29
N LYS A 170 4.65 -10.90 12.52
CA LYS A 170 3.56 -11.85 12.73
C LYS A 170 2.29 -11.10 13.08
N PRO A 171 1.26 -11.13 12.24
CA PRO A 171 -0.02 -10.50 12.62
C PRO A 171 -0.70 -11.22 13.76
N GLY A 172 -1.83 -10.69 14.19
CA GLY A 172 -2.60 -11.30 15.27
C GLY A 172 -4.06 -10.94 15.14
N VAL A 173 -4.91 -11.84 15.63
CA VAL A 173 -6.34 -11.61 15.67
C VAL A 173 -6.66 -10.88 16.98
N PHE A 174 -7.25 -9.70 16.87
CA PHE A 174 -7.49 -8.85 18.03
C PHE A 174 -8.98 -8.58 18.21
N LYS A 175 -9.34 -8.22 19.44
CA LYS A 175 -10.73 -8.01 19.84
C LYS A 175 -11.24 -6.69 19.25
N THR A 176 -12.20 -6.78 18.35
CA THR A 176 -12.82 -5.59 17.77
C THR A 176 -14.33 -5.73 17.81
N PRO A 177 -15.06 -4.62 18.01
CA PRO A 177 -16.50 -4.65 17.80
C PRO A 177 -16.87 -4.94 16.35
N GLU A 178 -15.95 -4.69 15.42
CA GLU A 178 -16.15 -4.97 14.00
C GLU A 178 -15.87 -6.42 13.65
N GLY A 179 -15.88 -7.33 14.63
CA GLY A 179 -15.53 -8.71 14.40
C GLY A 179 -14.14 -9.03 14.90
N GLU A 180 -13.41 -9.88 14.19
CA GLU A 180 -12.03 -10.23 14.55
C GLU A 180 -11.17 -10.17 13.29
N ILE A 181 -10.41 -9.08 13.18
CA ILE A 181 -9.62 -8.78 11.99
C ILE A 181 -8.15 -9.02 12.29
N GLY A 182 -7.38 -9.25 11.22
CA GLY A 182 -5.94 -9.32 11.37
C GLY A 182 -5.33 -7.95 11.58
N ALA A 183 -4.22 -7.92 12.30
CA ALA A 183 -3.59 -6.65 12.63
C ALA A 183 -2.12 -6.89 12.96
N VAL A 184 -1.30 -5.87 12.69
CA VAL A 184 0.13 -5.93 12.90
C VAL A 184 0.53 -4.91 13.96
N THR A 185 1.62 -5.20 14.66
CA THR A 185 2.09 -4.37 15.77
C THR A 185 3.07 -3.29 15.34
N LEU A 186 3.43 -3.23 14.06
CA LEU A 186 4.38 -2.24 13.59
C LEU A 186 3.78 -0.84 13.65
N ASP A 187 4.64 0.15 13.90
CA ASP A 187 4.22 1.54 14.03
C ASP A 187 5.02 2.39 13.03
N PHE A 188 4.32 3.01 12.10
CA PHE A 188 4.92 3.84 11.07
C PHE A 188 4.07 5.09 10.89
N PRO A 189 4.64 6.19 10.40
CA PRO A 189 3.85 7.41 10.21
C PRO A 189 2.68 7.18 9.28
N THR A 190 1.65 8.02 9.44
CA THR A 190 0.43 7.88 8.65
C THR A 190 0.70 7.99 7.15
N GLY A 191 1.81 8.62 6.76
CA GLY A 191 2.18 8.65 5.36
C GLY A 191 2.52 7.28 4.81
N THR A 192 2.77 6.31 5.69
CA THR A 192 2.98 4.93 5.27
C THR A 192 1.67 4.17 5.07
N SER A 193 0.56 4.71 5.57
CA SER A 193 -0.72 4.02 5.49
C SER A 193 -1.07 3.72 4.04
N GLY A 194 -1.56 2.51 3.81
CA GLY A 194 -1.82 2.02 2.46
C GLY A 194 -0.72 1.16 1.88
N SER A 195 0.42 1.08 2.55
CA SER A 195 1.51 0.23 2.08
C SER A 195 1.05 -1.24 2.04
N PRO A 196 1.32 -1.97 0.97
CA PRO A 196 0.79 -3.33 0.86
C PRO A 196 1.49 -4.30 1.80
N ILE A 197 0.73 -5.28 2.26
CA ILE A 197 1.25 -6.39 3.06
C ILE A 197 1.10 -7.66 2.23
N VAL A 198 2.18 -8.45 2.16
CA VAL A 198 2.24 -9.60 1.28
C VAL A 198 2.57 -10.85 2.08
N ASP A 199 2.19 -12.00 1.53
CA ASP A 199 2.52 -13.30 2.08
C ASP A 199 3.78 -13.85 1.40
N LYS A 200 4.12 -15.09 1.69
CA LYS A 200 5.33 -15.69 1.13
C LYS A 200 5.29 -15.80 -0.39
N ASN A 201 4.10 -15.80 -0.97
CA ASN A 201 3.97 -15.87 -2.42
C ASN A 201 4.06 -14.51 -3.09
N GLY A 202 4.25 -13.44 -2.32
CA GLY A 202 4.20 -12.11 -2.87
C GLY A 202 2.81 -11.61 -3.18
N ASP A 203 1.77 -12.33 -2.75
CA ASP A 203 0.39 -11.88 -2.95
C ASP A 203 0.02 -10.87 -1.88
N VAL A 204 -0.69 -9.83 -2.29
CA VAL A 204 -1.07 -8.76 -1.37
C VAL A 204 -2.27 -9.24 -0.56
N ILE A 205 -2.05 -9.49 0.73
CA ILE A 205 -3.12 -9.95 1.62
C ILE A 205 -3.83 -8.80 2.32
N GLY A 206 -3.44 -7.57 2.03
CA GLY A 206 -4.11 -6.43 2.64
C GLY A 206 -3.19 -5.22 2.66
N LEU A 207 -3.77 -4.10 3.12
CA LEU A 207 -3.07 -2.83 3.21
C LEU A 207 -2.81 -2.48 4.66
N TYR A 208 -1.84 -1.57 4.85
CA TYR A 208 -1.46 -1.10 6.18
C TYR A 208 -2.35 0.08 6.53
N GLY A 209 -3.26 -0.11 7.48
CA GLY A 209 -4.17 0.94 7.89
C GLY A 209 -3.58 1.83 8.97
N ASN A 210 -4.31 2.91 9.26
CA ASN A 210 -3.90 3.81 10.33
C ASN A 210 -4.04 3.11 11.67
N GLY A 211 -3.01 3.24 12.51
CA GLY A 211 -2.99 2.51 13.76
C GLY A 211 -3.99 3.05 14.77
N VAL A 212 -4.49 2.15 15.61
CA VAL A 212 -5.33 2.51 16.74
C VAL A 212 -4.58 2.19 18.02
N ILE A 213 -4.97 2.86 19.10
CA ILE A 213 -4.23 2.79 20.35
C ILE A 213 -4.75 1.61 21.17
N MET A 214 -3.84 1.02 21.94
CA MET A 214 -4.11 -0.10 22.83
C MET A 214 -4.22 0.37 24.27
N PRO A 215 -4.77 -0.46 25.17
CA PRO A 215 -4.83 -0.06 26.59
C PRO A 215 -3.47 0.28 27.18
N ASN A 216 -2.38 -0.31 26.68
CA ASN A 216 -1.06 0.00 27.22
C ASN A 216 -0.48 1.30 26.68
N GLY A 217 -1.02 1.83 25.58
CA GLY A 217 -0.53 3.05 24.97
C GLY A 217 0.12 2.86 23.62
N SER A 218 0.46 1.63 23.24
CA SER A 218 1.06 1.37 21.94
C SER A 218 0.00 1.44 20.84
N TYR A 219 0.42 1.24 19.61
CA TYR A 219 -0.46 1.35 18.45
C TYR A 219 -0.45 0.06 17.66
N ILE A 220 -1.61 -0.29 17.11
CA ILE A 220 -1.81 -1.50 16.32
C ILE A 220 -2.50 -1.11 15.03
N SER A 221 -1.99 -1.60 13.90
CA SER A 221 -2.54 -1.34 12.59
C SER A 221 -3.16 -2.60 12.02
N ALA A 222 -4.42 -2.50 11.59
CA ALA A 222 -5.11 -3.65 11.02
C ALA A 222 -4.69 -3.86 9.57
N ILE A 223 -4.82 -5.11 9.13
CA ILE A 223 -4.55 -5.47 7.73
C ILE A 223 -5.85 -5.21 6.97
N VAL A 224 -5.92 -4.06 6.31
CA VAL A 224 -7.14 -3.63 5.62
C VAL A 224 -7.30 -4.44 4.34
N GLN A 225 -8.38 -5.22 4.26
CA GLN A 225 -8.60 -6.09 3.12
C GLN A 225 -10.09 -6.36 2.98
N GLY A 226 -10.53 -6.49 1.72
CA GLY A 226 -11.90 -6.86 1.42
C GLY A 226 -11.94 -7.87 0.29
N GLU A 227 -13.14 -8.39 0.06
CA GLU A 227 -13.31 -9.39 -0.99
C GLU A 227 -13.25 -8.73 -2.36
N ARG A 228 -12.74 -9.49 -3.33
CA ARG A 228 -12.63 -9.00 -4.70
C ARG A 228 -14.01 -8.83 -5.33
N MET A 229 -14.26 -7.65 -5.89
CA MET A 229 -15.45 -7.39 -6.68
C MET A 229 -15.09 -7.35 -8.15
N ASP A 230 -16.10 -7.53 -8.99
CA ASP A 230 -15.92 -7.84 -10.40
C ASP A 230 -16.58 -6.80 -11.30
N GLU A 231 -16.11 -6.75 -12.55
CA GLU A 231 -16.73 -5.91 -13.57
C GLU A 231 -17.68 -6.77 -14.39
N PRO A 232 -18.98 -6.56 -14.30
CA PRO A 232 -19.91 -7.30 -15.18
C PRO A 232 -19.91 -6.73 -16.59
N ILE A 233 -20.32 -7.58 -17.52
CA ILE A 233 -20.42 -7.20 -18.93
C ILE A 233 -21.24 -8.22 -19.70
#